data_7RNU
#
_entry.id   7RNU
#
_cell.length_a   188.083
_cell.length_b   41.432
_cell.length_c   65.875
_cell.angle_alpha   90.000
_cell.angle_beta   100.294
_cell.angle_gamma   90.000
#
_symmetry.space_group_name_H-M   'C 1 2 1'
#
loop_
_entity.id
_entity.type
_entity.pdbx_description
1 polymer 'Phosphatidylinositol 3-kinase regulatory subunit beta'
2 polymer 'Actin, alpha skeletal muscle'
3 non-polymer 1,2-ETHANEDIOL
4 water water
#
loop_
_entity_poly.entity_id
_entity_poly.type
_entity_poly.pdbx_seq_one_letter_code
_entity_poly.pdbx_strand_id
1 'polypeptide(L)'
;GSMNGGSPPSLQDAEWYWGDISREEVNEKLRDTPDGTFLVRDASSKIQGEYTLTLRKGGNNKLIKVFHRDGHYGFSEPLT
FCSVVDLINHYRHESLAQYNAKLDTRLLYPVSKY
;
A,C,E,G
2 'polypeptide(L)' KDS(PTR)VGDEA B,D,F,H
#
loop_
_chem_comp.id
_chem_comp.type
_chem_comp.name
_chem_comp.formula
EDO non-polymer 1,2-ETHANEDIOL 'C2 H6 O2'
#
# COMPACT_ATOMS: atom_id res chain seq x y z
N PRO A 8 16.79 -2.45 14.05
CA PRO A 8 15.83 -3.37 13.45
C PRO A 8 15.06 -4.19 14.49
N PRO A 9 13.74 -4.29 14.33
CA PRO A 9 12.93 -5.06 15.27
C PRO A 9 13.33 -6.54 15.28
N SER A 10 13.47 -7.09 16.49
CA SER A 10 13.90 -8.46 16.66
C SER A 10 12.72 -9.43 16.63
N LEU A 11 13.03 -10.70 16.40
CA LEU A 11 11.99 -11.71 16.38
C LEU A 11 11.36 -11.89 17.76
N GLN A 12 12.19 -11.84 18.81
CA GLN A 12 11.66 -11.96 20.17
C GLN A 12 10.59 -10.91 20.46
N ASP A 13 10.71 -9.73 19.86
CA ASP A 13 9.77 -8.64 20.12
C ASP A 13 8.57 -8.62 19.19
N ALA A 14 8.50 -9.54 18.23
CA ALA A 14 7.38 -9.55 17.30
C ALA A 14 6.13 -10.10 17.99
N GLU A 15 5.00 -9.42 17.77
CA GLU A 15 3.78 -9.77 18.50
C GLU A 15 3.29 -11.16 18.13
N TRP A 16 3.61 -11.62 16.93
CA TRP A 16 3.13 -12.89 16.40
C TRP A 16 4.09 -14.04 16.65
N TYR A 17 5.22 -13.81 17.33
CA TYR A 17 6.19 -14.86 17.61
C TYR A 17 5.98 -15.40 19.03
N TRP A 18 5.62 -16.67 19.15
CA TRP A 18 5.23 -17.27 20.42
C TRP A 18 6.25 -18.22 21.00
N GLY A 19 7.36 -18.45 20.31
CA GLY A 19 8.40 -19.30 20.89
C GLY A 19 7.96 -20.73 21.03
N ASP A 20 8.15 -21.28 22.24
CA ASP A 20 7.93 -22.71 22.48
C ASP A 20 6.50 -22.93 22.96
N ILE A 21 5.59 -23.04 22.00
CA ILE A 21 4.21 -23.43 22.26
C ILE A 21 3.86 -24.66 21.42
N SER A 22 2.91 -25.45 21.93
CA SER A 22 2.57 -26.70 21.27
C SER A 22 1.53 -26.48 20.17
N ARG A 23 1.37 -27.51 19.31
CA ARG A 23 0.32 -27.45 18.30
C ARG A 23 -1.05 -27.32 18.94
N GLU A 24 -1.26 -28.02 20.07
CA GLU A 24 -2.54 -27.90 20.77
C GLU A 24 -2.83 -26.46 21.15
N GLU A 25 -1.82 -25.75 21.66
CA GLU A 25 -1.96 -24.33 22.01
C GLU A 25 -2.22 -23.46 20.77
N VAL A 26 -1.49 -23.72 19.69
CA VAL A 26 -1.73 -23.01 18.43
C VAL A 26 -3.17 -23.23 17.97
N ASN A 27 -3.63 -24.50 18.01
CA ASN A 27 -4.96 -24.79 17.49
C ASN A 27 -6.04 -24.08 18.32
N GLU A 28 -5.82 -23.94 19.62
CA GLU A 28 -6.74 -23.17 20.44
C GLU A 28 -6.79 -21.71 20.01
N LYS A 29 -5.63 -21.12 19.73
CA LYS A 29 -5.60 -19.71 19.33
C LYS A 29 -6.20 -19.49 17.94
N LEU A 30 -6.11 -20.48 17.06
CA LEU A 30 -6.63 -20.33 15.70
C LEU A 30 -8.06 -20.84 15.52
N ARG A 31 -8.64 -21.47 16.56
CA ARG A 31 -10.00 -21.97 16.42
C ARG A 31 -10.98 -20.85 16.06
N ASP A 32 -11.77 -21.09 15.03
CA ASP A 32 -12.83 -20.17 14.58
C ASP A 32 -12.31 -18.85 14.04
N THR A 33 -11.01 -18.75 13.70
CA THR A 33 -10.47 -17.49 13.20
C THR A 33 -10.56 -17.40 11.68
N PRO A 34 -10.58 -16.20 11.12
CA PRO A 34 -10.67 -16.04 9.67
C PRO A 34 -9.37 -16.34 8.96
N ASP A 35 -9.49 -16.60 7.66
CA ASP A 35 -8.34 -16.82 6.80
C ASP A 35 -7.37 -15.65 6.93
N GLY A 36 -6.07 -15.96 6.99
CA GLY A 36 -5.06 -14.96 7.15
C GLY A 36 -4.62 -14.71 8.58
N THR A 37 -5.29 -15.33 9.56
CA THR A 37 -4.80 -15.34 10.93
C THR A 37 -3.53 -16.17 10.99
N PHE A 38 -2.54 -15.73 11.77
CA PHE A 38 -1.24 -16.38 11.70
C PHE A 38 -0.43 -16.15 12.98
N LEU A 39 0.51 -17.06 13.21
CA LEU A 39 1.55 -16.90 14.22
C LEU A 39 2.77 -17.72 13.81
N VAL A 40 3.88 -17.43 14.45
CA VAL A 40 5.13 -18.18 14.27
C VAL A 40 5.54 -18.76 15.61
N ARG A 41 5.95 -20.02 15.61
CA ARG A 41 6.47 -20.67 16.80
C ARG A 41 7.80 -21.32 16.46
N ASP A 42 8.51 -21.78 17.49
CA ASP A 42 9.72 -22.56 17.26
C ASP A 42 9.35 -23.89 16.60
N ALA A 43 10.23 -24.35 15.71
CA ALA A 43 10.02 -25.62 15.04
C ALA A 43 10.18 -26.77 16.02
N SER A 44 9.48 -27.87 15.74
CA SER A 44 9.50 -29.02 16.64
C SER A 44 10.90 -29.59 16.81
N SER A 45 11.77 -29.41 15.82
CA SER A 45 13.16 -29.85 15.94
C SER A 45 13.85 -29.26 17.16
N LYS A 46 13.40 -28.10 17.64
CA LYS A 46 14.02 -27.40 18.76
C LYS A 46 15.48 -27.03 18.49
N ILE A 47 15.80 -26.82 17.23
CA ILE A 47 17.12 -26.36 16.80
C ILE A 47 17.07 -24.85 16.67
N GLN A 48 18.11 -24.18 17.15
CA GLN A 48 18.17 -22.72 17.09
C GLN A 48 18.05 -22.24 15.66
N GLY A 49 17.22 -21.21 15.45
CA GLY A 49 17.02 -20.66 14.13
C GLY A 49 15.99 -21.37 13.27
N GLU A 50 15.30 -22.38 13.81
CA GLU A 50 14.29 -23.16 13.08
C GLU A 50 12.91 -22.77 13.59
N TYR A 51 12.07 -22.28 12.68
CA TYR A 51 10.77 -21.75 13.05
C TYR A 51 9.71 -22.30 12.10
N THR A 52 8.45 -22.24 12.55
CA THR A 52 7.32 -22.75 11.81
C THR A 52 6.23 -21.69 11.80
N LEU A 53 5.79 -21.30 10.60
CA LEU A 53 4.64 -20.43 10.45
C LEU A 53 3.37 -21.28 10.43
N THR A 54 2.38 -20.87 11.19
CA THR A 54 1.05 -21.48 11.13
C THR A 54 0.09 -20.43 10.59
N LEU A 55 -0.60 -20.76 9.49
CA LEU A 55 -1.48 -19.85 8.78
C LEU A 55 -2.88 -20.46 8.69
N ARG A 56 -3.87 -19.67 9.07
CA ARG A 56 -5.26 -20.08 8.92
C ARG A 56 -5.71 -19.92 7.47
N LYS A 57 -6.24 -21.01 6.90
CA LYS A 57 -6.75 -20.98 5.53
C LYS A 57 -7.82 -22.06 5.39
N GLY A 58 -9.01 -21.66 4.97
CA GLY A 58 -10.10 -22.61 4.74
C GLY A 58 -10.55 -23.36 5.97
N GLY A 59 -10.45 -22.76 7.15
CA GLY A 59 -10.78 -23.44 8.38
C GLY A 59 -9.74 -24.43 8.86
N ASN A 60 -8.58 -24.47 8.23
CA ASN A 60 -7.49 -25.35 8.61
C ASN A 60 -6.28 -24.51 9.00
N ASN A 61 -5.36 -25.14 9.74
CA ASN A 61 -4.13 -24.51 10.21
C ASN A 61 -2.98 -25.09 9.40
N LYS A 62 -2.51 -24.34 8.42
CA LYS A 62 -1.45 -24.79 7.52
C LYS A 62 -0.09 -24.51 8.14
N LEU A 63 0.79 -25.50 8.11
CA LEU A 63 2.12 -25.39 8.67
C LEU A 63 3.12 -25.16 7.54
N ILE A 64 3.95 -24.13 7.69
CA ILE A 64 4.91 -23.76 6.67
C ILE A 64 6.27 -23.64 7.36
N LYS A 65 7.21 -24.48 6.93
CA LYS A 65 8.56 -24.44 7.48
C LYS A 65 9.28 -23.19 7.01
N VAL A 66 9.95 -22.50 7.92
CA VAL A 66 10.83 -21.39 7.56
C VAL A 66 12.24 -21.96 7.47
N PHE A 67 12.75 -22.03 6.24
CA PHE A 67 14.12 -22.48 6.02
C PHE A 67 15.11 -21.37 6.34
N HIS A 68 16.30 -21.78 6.77
CA HIS A 68 17.34 -20.86 7.20
C HIS A 68 18.68 -21.42 6.73
N ARG A 69 19.34 -20.70 5.82
CA ARG A 69 20.63 -21.13 5.30
C ARG A 69 21.39 -19.90 4.82
N ASP A 70 22.67 -19.84 5.17
CA ASP A 70 23.57 -18.78 4.69
C ASP A 70 23.09 -17.40 5.12
N GLY A 71 22.58 -17.30 6.35
CA GLY A 71 22.08 -16.05 6.87
C GLY A 71 20.80 -15.55 6.25
N HIS A 72 20.11 -16.37 5.46
CA HIS A 72 18.86 -15.99 4.82
C HIS A 72 17.73 -16.93 5.23
N TYR A 73 16.51 -16.46 5.04
CA TYR A 73 15.30 -17.19 5.41
C TYR A 73 14.32 -17.18 4.25
N GLY A 74 13.45 -18.18 4.24
CA GLY A 74 12.40 -18.25 3.24
C GLY A 74 11.63 -19.55 3.35
N PHE A 75 10.57 -19.63 2.55
CA PHE A 75 9.74 -20.83 2.50
C PHE A 75 10.27 -21.87 1.51
N SER A 76 11.05 -21.45 0.53
CA SER A 76 11.65 -22.37 -0.43
C SER A 76 12.80 -21.64 -1.13
N GLU A 77 13.68 -22.44 -1.75
CA GLU A 77 14.79 -21.88 -2.49
C GLU A 77 14.29 -21.11 -3.71
N PRO A 78 14.89 -19.93 -4.01
CA PRO A 78 15.98 -19.36 -3.24
C PRO A 78 15.48 -18.62 -1.99
N LEU A 79 16.30 -18.62 -0.94
CA LEU A 79 15.98 -17.90 0.29
C LEU A 79 16.49 -16.48 0.17
N THR A 80 15.57 -15.51 0.26
CA THR A 80 15.90 -14.13 -0.07
C THR A 80 15.73 -13.13 1.08
N PHE A 81 15.26 -13.55 2.24
CA PHE A 81 14.98 -12.61 3.31
C PHE A 81 16.08 -12.64 4.37
N CYS A 82 16.37 -11.47 4.94
CA CYS A 82 17.45 -11.35 5.91
C CYS A 82 17.03 -11.68 7.34
N SER A 83 15.72 -11.80 7.60
CA SER A 83 15.24 -12.12 8.93
C SER A 83 13.86 -12.74 8.80
N VAL A 84 13.45 -13.44 9.86
CA VAL A 84 12.08 -13.94 9.94
C VAL A 84 11.08 -12.79 9.91
N VAL A 85 11.39 -11.69 10.63
CA VAL A 85 10.52 -10.51 10.64
C VAL A 85 10.31 -9.95 9.23
N ASP A 86 11.40 -9.85 8.44
CA ASP A 86 11.27 -9.34 7.08
C ASP A 86 10.43 -10.27 6.22
N LEU A 87 10.59 -11.59 6.41
CA LEU A 87 9.80 -12.56 5.68
C LEU A 87 8.32 -12.39 5.99
N ILE A 88 7.97 -12.33 7.27
CA ILE A 88 6.57 -12.17 7.66
C ILE A 88 6.01 -10.85 7.14
N ASN A 89 6.77 -9.76 7.30
CA ASN A 89 6.22 -8.46 6.88
C ASN A 89 6.00 -8.40 5.38
N HIS A 90 6.84 -9.11 4.61
CA HIS A 90 6.62 -9.19 3.17
C HIS A 90 5.27 -9.84 2.87
N TYR A 91 4.97 -10.96 3.52
CA TYR A 91 3.73 -11.67 3.22
C TYR A 91 2.51 -11.07 3.91
N ARG A 92 2.68 -10.05 4.77
CA ARG A 92 1.53 -9.23 5.13
C ARG A 92 0.95 -8.52 3.90
N HIS A 93 1.73 -8.39 2.82
CA HIS A 93 1.34 -7.56 1.69
C HIS A 93 1.44 -8.30 0.37
N GLU A 94 1.66 -9.61 0.40
CA GLU A 94 1.67 -10.44 -0.79
C GLU A 94 1.10 -11.78 -0.39
N SER A 95 0.26 -12.35 -1.26
CA SER A 95 -0.30 -13.67 -1.01
C SER A 95 0.79 -14.75 -1.01
N LEU A 96 0.56 -15.79 -0.21
CA LEU A 96 1.43 -16.95 -0.25
C LEU A 96 1.12 -17.89 -1.41
N ALA A 97 0.19 -17.51 -2.30
CA ALA A 97 -0.15 -18.35 -3.44
C ALA A 97 1.06 -18.64 -4.32
N GLN A 98 2.02 -17.71 -4.37
CA GLN A 98 3.25 -17.98 -5.11
C GLN A 98 3.98 -19.19 -4.55
N TYR A 99 4.00 -19.34 -3.23
CA TYR A 99 4.63 -20.51 -2.63
C TYR A 99 3.81 -21.76 -2.86
N ASN A 100 2.48 -21.66 -2.75
CA ASN A 100 1.61 -22.82 -2.95
C ASN A 100 0.20 -22.32 -3.26
N ALA A 101 -0.39 -22.83 -4.35
CA ALA A 101 -1.67 -22.33 -4.81
C ALA A 101 -2.79 -22.56 -3.80
N LYS A 102 -2.61 -23.47 -2.85
CA LYS A 102 -3.61 -23.71 -1.82
C LYS A 102 -3.48 -22.74 -0.65
N LEU A 103 -2.53 -21.81 -0.71
CA LEU A 103 -2.32 -20.84 0.36
C LEU A 103 -2.58 -19.43 -0.13
N ASP A 104 -3.69 -19.22 -0.83
CA ASP A 104 -3.97 -17.92 -1.44
C ASP A 104 -4.61 -16.99 -0.42
N THR A 105 -3.76 -16.48 0.47
CA THR A 105 -4.11 -15.40 1.38
C THR A 105 -2.82 -14.70 1.79
N ARG A 106 -2.95 -13.43 2.16
CA ARG A 106 -1.89 -12.70 2.83
C ARG A 106 -1.91 -13.04 4.33
N LEU A 107 -0.85 -12.63 5.01
CA LEU A 107 -0.78 -12.69 6.47
C LEU A 107 -1.47 -11.45 7.03
N LEU A 108 -2.74 -11.60 7.41
CA LEU A 108 -3.61 -10.47 7.67
C LEU A 108 -3.80 -10.15 9.15
N TYR A 109 -3.88 -11.16 10.00
CA TYR A 109 -4.30 -10.97 11.39
C TYR A 109 -3.35 -11.71 12.30
N PRO A 110 -2.32 -11.04 12.82
CA PRO A 110 -1.42 -11.70 13.76
C PRO A 110 -2.17 -12.07 15.02
N VAL A 111 -1.84 -13.26 15.56
CA VAL A 111 -2.24 -13.63 16.91
C VAL A 111 -1.23 -12.99 17.85
N SER A 112 -1.63 -11.94 18.55
CA SER A 112 -0.68 -11.13 19.31
C SER A 112 -0.52 -11.62 20.74
N LYS A 113 0.73 -11.66 21.20
CA LYS A 113 1.05 -11.92 22.60
C LYS A 113 1.04 -10.67 23.47
N TYR A 114 0.75 -9.51 22.89
CA TYR A 114 0.77 -8.24 23.61
C TYR A 114 -0.63 -7.61 23.69
N ASP B 2 3.59 -34.02 7.64
CA ASP B 2 2.22 -34.10 8.14
C ASP B 2 1.38 -32.97 7.56
N SER B 3 0.93 -32.07 8.43
CA SER B 3 0.15 -30.91 8.00
C SER B 3 1.03 -29.79 7.45
N PTR B 4 2.29 -30.12 7.17
CA PTR B 4 3.20 -29.20 6.48
C PTR B 4 2.84 -29.07 5.00
O PTR B 4 2.56 -30.05 4.32
CB PTR B 4 4.66 -29.60 6.63
CG PTR B 4 5.28 -29.14 7.94
CD1 PTR B 4 5.90 -27.91 8.02
CD2 PTR B 4 5.18 -29.92 9.08
CE1 PTR B 4 6.44 -27.47 9.21
CE2 PTR B 4 5.72 -29.49 10.29
CZ PTR B 4 6.35 -28.26 10.34
OH PTR B 4 6.89 -27.78 11.43
P PTR B 4 6.95 -28.45 12.89
O1P PTR B 4 7.56 -27.44 13.78
O2P PTR B 4 5.52 -28.78 13.37
O3P PTR B 4 7.84 -29.71 12.87
N VAL B 5 2.83 -27.82 4.53
CA VAL B 5 2.57 -27.51 3.13
C VAL B 5 3.88 -27.35 2.36
N GLY B 6 4.02 -28.10 1.28
CA GLY B 6 5.22 -28.03 0.46
C GLY B 6 5.20 -26.88 -0.54
N GLY C 5 -14.78 -3.61 34.97
CA GLY C 5 -13.65 -3.88 34.10
C GLY C 5 -13.06 -2.65 33.44
N GLY C 6 -13.60 -1.48 33.78
CA GLY C 6 -13.13 -0.23 33.20
C GLY C 6 -13.67 0.03 31.81
N SER C 7 -13.81 1.31 31.44
CA SER C 7 -14.20 1.72 30.11
C SER C 7 -13.15 2.66 29.53
N PRO C 8 -12.84 2.52 28.24
CA PRO C 8 -11.85 3.40 27.63
C PRO C 8 -12.35 4.83 27.59
N PRO C 9 -11.44 5.79 27.49
CA PRO C 9 -11.83 7.20 27.52
C PRO C 9 -12.38 7.68 26.17
N SER C 10 -13.08 8.80 26.25
CA SER C 10 -13.35 9.56 25.04
C SER C 10 -12.04 10.09 24.47
N LEU C 11 -12.07 10.51 23.19
CA LEU C 11 -10.88 11.08 22.60
C LEU C 11 -10.39 12.29 23.39
N GLN C 12 -11.32 13.18 23.78
CA GLN C 12 -10.94 14.37 24.53
C GLN C 12 -10.18 14.01 25.81
N ASP C 13 -10.55 12.90 26.45
CA ASP C 13 -9.91 12.51 27.70
C ASP C 13 -8.67 11.63 27.50
N ALA C 14 -8.48 11.05 26.31
CA ALA C 14 -7.30 10.23 26.06
C ALA C 14 -6.03 11.03 26.33
N GLU C 15 -5.09 10.43 27.08
CA GLU C 15 -3.91 11.16 27.56
C GLU C 15 -3.02 11.60 26.40
N TRP C 16 -3.07 10.87 25.28
CA TRP C 16 -2.22 11.09 24.12
C TRP C 16 -2.86 11.97 23.05
N TYR C 17 -4.06 12.49 23.29
CA TYR C 17 -4.71 13.39 22.34
C TYR C 17 -4.47 14.83 22.79
N TRP C 18 -3.76 15.58 21.96
CA TRP C 18 -3.31 16.92 22.31
C TRP C 18 -4.08 18.02 21.58
N GLY C 19 -5.08 17.67 20.78
CA GLY C 19 -5.92 18.70 20.15
C GLY C 19 -5.18 19.58 19.17
N ASP C 20 -5.35 20.89 19.32
CA ASP C 20 -4.86 21.88 18.36
C ASP C 20 -3.45 22.32 18.75
N ILE C 21 -2.51 21.40 18.60
CA ILE C 21 -1.10 21.73 18.61
C ILE C 21 -0.54 21.56 17.21
N SER C 22 0.56 22.25 16.94
CA SER C 22 1.12 22.27 15.60
C SER C 22 2.07 21.09 15.39
N ARG C 23 2.38 20.83 14.11
CA ARG C 23 3.37 19.81 13.78
C ARG C 23 4.71 20.13 14.42
N GLU C 24 5.06 21.41 14.45
CA GLU C 24 6.30 21.83 15.09
C GLU C 24 6.27 21.56 16.59
N GLU C 25 5.12 21.81 17.23
CA GLU C 25 5.00 21.49 18.65
C GLU C 25 5.07 19.99 18.91
N VAL C 26 4.56 19.16 17.98
CA VAL C 26 4.69 17.72 18.14
C VAL C 26 6.16 17.31 18.09
N ASN C 27 6.91 17.90 17.15
CA ASN C 27 8.32 17.52 17.02
CA ASN C 27 8.32 17.52 17.02
C ASN C 27 9.11 17.82 18.29
N GLU C 28 8.75 18.89 19.01
CA GLU C 28 9.41 19.18 20.27
C GLU C 28 9.17 18.07 21.28
N LYS C 29 7.96 17.49 21.29
CA LYS C 29 7.67 16.43 22.24
C LYS C 29 8.27 15.10 21.84
N LEU C 30 8.51 14.89 20.54
CA LEU C 30 9.02 13.61 20.10
C LEU C 30 10.54 13.58 19.98
N ARG C 31 11.20 14.73 20.13
CA ARG C 31 12.66 14.72 20.24
C ARG C 31 13.09 13.85 21.41
N ASP C 32 14.12 13.05 21.19
CA ASP C 32 14.73 12.24 22.25
C ASP C 32 13.78 11.18 22.78
N THR C 33 12.83 10.71 21.95
CA THR C 33 11.95 9.62 22.36
C THR C 33 12.22 8.36 21.53
N PRO C 34 11.96 7.18 22.06
CA PRO C 34 12.26 5.95 21.32
C PRO C 34 11.21 5.63 20.27
N ASP C 35 11.57 4.71 19.38
CA ASP C 35 10.63 4.22 18.39
C ASP C 35 9.37 3.69 19.07
N GLY C 36 8.21 3.99 18.49
CA GLY C 36 6.96 3.61 19.11
C GLY C 36 6.34 4.67 20.00
N THR C 37 7.03 5.79 20.23
CA THR C 37 6.44 6.91 20.92
C THR C 37 5.44 7.58 20.00
N PHE C 38 4.31 8.03 20.55
CA PHE C 38 3.25 8.54 19.68
C PHE C 38 2.33 9.52 20.41
N LEU C 39 1.63 10.33 19.61
CA LEU C 39 0.51 11.12 20.11
C LEU C 39 -0.40 11.43 18.92
N VAL C 40 -1.60 11.90 19.22
CA VAL C 40 -2.57 12.31 18.21
C VAL C 40 -2.87 13.80 18.37
N ARG C 41 -3.01 14.50 17.24
CA ARG C 41 -3.40 15.90 17.24
C ARG C 41 -4.44 16.12 16.16
N ASP C 42 -5.02 17.31 16.16
CA ASP C 42 -5.92 17.68 15.06
C ASP C 42 -5.12 17.82 13.77
N ALA C 43 -5.77 17.51 12.64
CA ALA C 43 -5.09 17.60 11.35
C ALA C 43 -4.76 19.05 10.99
N SER C 44 -3.66 19.23 10.24
CA SER C 44 -3.22 20.56 9.81
CA SER C 44 -3.27 20.58 9.86
C SER C 44 -4.26 21.24 8.92
N SER C 45 -5.07 20.45 8.22
CA SER C 45 -6.12 21.00 7.35
C SER C 45 -7.19 21.73 8.14
N LYS C 46 -7.30 21.47 9.44
CA LYS C 46 -8.36 22.02 10.29
C LYS C 46 -9.76 21.59 9.83
N ILE C 47 -9.88 20.47 9.12
CA ILE C 47 -11.17 19.89 8.79
C ILE C 47 -11.71 19.17 10.02
N GLN C 48 -12.94 19.48 10.39
CA GLN C 48 -13.54 18.92 11.59
C GLN C 48 -13.65 17.41 11.46
N GLY C 49 -13.19 16.70 12.51
CA GLY C 49 -13.29 15.26 12.56
C GLY C 49 -12.12 14.51 11.95
N GLU C 50 -11.11 15.20 11.44
CA GLU C 50 -9.92 14.58 10.91
C GLU C 50 -8.75 14.81 11.87
N TYR C 51 -7.98 13.76 12.10
CA TYR C 51 -6.92 13.79 13.09
C TYR C 51 -5.66 13.21 12.45
N THR C 52 -4.53 13.39 13.15
CA THR C 52 -3.24 12.93 12.66
C THR C 52 -2.53 12.20 13.78
N LEU C 53 -2.17 10.94 13.54
CA LEU C 53 -1.29 10.18 14.42
C LEU C 53 0.15 10.45 14.02
N THR C 54 1.00 10.78 14.99
CA THR C 54 2.43 10.94 14.76
C THR C 54 3.15 9.94 15.64
N LEU C 55 4.09 9.19 15.05
CA LEU C 55 4.86 8.22 15.82
C LEU C 55 6.31 8.24 15.40
N ARG C 56 7.17 7.70 16.26
CA ARG C 56 8.61 7.62 15.99
C ARG C 56 8.94 6.29 15.39
N LYS C 57 9.72 6.30 14.30
CA LYS C 57 10.21 5.07 13.69
C LYS C 57 11.50 5.43 12.99
N GLY C 58 12.57 4.70 13.32
CA GLY C 58 13.87 4.95 12.72
C GLY C 58 14.45 6.31 13.07
N GLY C 59 14.05 6.88 14.20
CA GLY C 59 14.54 8.18 14.61
C GLY C 59 13.88 9.35 13.90
N ASN C 60 12.80 9.11 13.17
CA ASN C 60 12.10 10.15 12.43
C ASN C 60 10.62 10.08 12.80
N ASN C 61 9.91 11.17 12.54
CA ASN C 61 8.48 11.22 12.84
C ASN C 61 7.68 10.80 11.61
N LYS C 62 6.77 9.85 11.82
CA LYS C 62 5.90 9.34 10.77
C LYS C 62 4.47 9.77 11.10
N LEU C 63 3.80 10.36 10.12
CA LEU C 63 2.48 10.94 10.30
C LEU C 63 1.46 10.12 9.51
N ILE C 64 0.32 9.85 10.13
CA ILE C 64 -0.74 9.07 9.49
C ILE C 64 -2.07 9.80 9.66
N LYS C 65 -2.74 10.08 8.54
CA LYS C 65 -4.05 10.71 8.60
C LYS C 65 -5.11 9.71 9.06
N VAL C 66 -5.96 10.14 9.99
CA VAL C 66 -7.12 9.38 10.42
C VAL C 66 -8.32 9.90 9.63
N PHE C 67 -8.89 9.03 8.81
CA PHE C 67 -10.06 9.38 8.01
C PHE C 67 -11.33 9.10 8.81
N HIS C 68 -12.41 9.79 8.44
CA HIS C 68 -13.64 9.71 9.20
C HIS C 68 -14.83 9.75 8.26
N ARG C 69 -15.74 8.78 8.41
CA ARG C 69 -16.99 8.75 7.65
C ARG C 69 -17.97 7.75 8.26
N ASP C 70 -19.22 8.19 8.44
CA ASP C 70 -20.31 7.33 8.90
C ASP C 70 -20.06 6.79 10.32
N GLY C 71 -19.62 7.69 11.21
CA GLY C 71 -19.32 7.30 12.57
C GLY C 71 -18.17 6.33 12.73
N HIS C 72 -17.40 6.09 11.68
CA HIS C 72 -16.26 5.19 11.74
C HIS C 72 -14.98 5.93 11.39
N TYR C 73 -13.87 5.37 11.85
CA TYR C 73 -12.54 5.93 11.66
C TYR C 73 -11.60 4.85 11.18
N GLY C 74 -10.52 5.27 10.55
CA GLY C 74 -9.49 4.35 10.12
C GLY C 74 -8.45 5.08 9.31
N PHE C 75 -7.39 4.35 8.99
CA PHE C 75 -6.32 4.85 8.14
C PHE C 75 -6.60 4.60 6.68
N SER C 76 -7.53 3.70 6.35
CA SER C 76 -7.93 3.42 4.98
C SER C 76 -9.31 2.79 5.02
N GLU C 77 -9.96 2.69 3.81
CA GLU C 77 -11.31 2.14 3.76
C GLU C 77 -11.26 0.64 3.48
N PRO C 78 -12.19 -0.13 4.06
CA PRO C 78 -13.31 0.35 4.87
C PRO C 78 -12.88 0.82 6.27
N LEU C 79 -13.52 1.88 6.75
CA LEU C 79 -13.26 2.40 8.09
C LEU C 79 -13.96 1.49 9.09
N THR C 80 -13.17 0.74 9.87
CA THR C 80 -13.73 -0.32 10.70
C THR C 80 -13.73 -0.01 12.18
N PHE C 81 -13.20 1.15 12.61
CA PHE C 81 -13.14 1.45 14.03
C PHE C 81 -14.21 2.45 14.44
N CYS C 82 -14.82 2.19 15.60
CA CYS C 82 -15.91 3.02 16.10
C CYS C 82 -15.43 4.31 16.73
N SER C 83 -14.13 4.43 17.01
CA SER C 83 -13.59 5.64 17.62
C SER C 83 -12.11 5.73 17.30
N VAL C 84 -11.58 6.94 17.43
CA VAL C 84 -10.14 7.15 17.33
C VAL C 84 -9.41 6.35 18.40
N VAL C 85 -9.97 6.31 19.62
CA VAL C 85 -9.37 5.54 20.71
C VAL C 85 -9.27 4.06 20.36
N ASP C 86 -10.33 3.49 19.77
CA ASP C 86 -10.29 2.08 19.39
C ASP C 86 -9.23 1.83 18.33
N LEU C 87 -9.08 2.77 17.39
CA LEU C 87 -8.08 2.65 16.33
C LEU C 87 -6.68 2.65 16.91
N ILE C 88 -6.37 3.63 17.76
CA ILE C 88 -5.07 3.70 18.41
C ILE C 88 -4.83 2.45 19.26
N ASN C 89 -5.83 2.03 20.02
CA ASN C 89 -5.62 0.89 20.92
C ASN C 89 -5.31 -0.38 20.14
N HIS C 90 -5.93 -0.54 18.96
CA HIS C 90 -5.63 -1.68 18.11
C HIS C 90 -4.13 -1.81 17.84
N TYR C 91 -3.47 -0.69 17.54
CA TYR C 91 -2.06 -0.73 17.21
C TYR C 91 -1.15 -0.62 18.42
N ARG C 92 -1.72 -0.55 19.62
CA ARG C 92 -0.94 -0.82 20.83
C ARG C 92 -0.53 -2.27 20.90
N HIS C 93 -1.35 -3.17 20.36
CA HIS C 93 -1.15 -4.61 20.52
C HIS C 93 -0.59 -5.29 19.28
N GLU C 94 -0.62 -4.63 18.13
CA GLU C 94 -0.05 -5.26 16.94
C GLU C 94 0.55 -4.19 16.04
N SER C 95 1.43 -4.65 15.16
CA SER C 95 2.31 -3.72 14.44
C SER C 95 1.56 -2.93 13.38
N LEU C 96 1.96 -1.67 13.21
CA LEU C 96 1.55 -0.88 12.05
C LEU C 96 2.10 -1.44 10.73
N ALA C 97 2.93 -2.48 10.77
CA ALA C 97 3.36 -3.14 9.53
C ALA C 97 2.18 -3.61 8.71
N GLN C 98 1.04 -3.89 9.34
CA GLN C 98 -0.13 -4.30 8.59
C GLN C 98 -0.68 -3.15 7.74
N TYR C 99 -0.49 -1.90 8.19
CA TYR C 99 -0.86 -0.74 7.41
C TYR C 99 0.19 -0.41 6.35
N ASN C 100 1.47 -0.48 6.70
CA ASN C 100 2.55 -0.18 5.77
C ASN C 100 3.79 -0.90 6.27
N ALA C 101 4.40 -1.71 5.40
CA ALA C 101 5.52 -2.55 5.83
C ALA C 101 6.73 -1.75 6.33
N LYS C 102 6.85 -0.47 5.97
CA LYS C 102 7.93 0.37 6.47
C LYS C 102 7.68 0.92 7.86
N LEU C 103 6.52 0.64 8.45
CA LEU C 103 6.22 1.08 9.80
C LEU C 103 6.08 -0.12 10.72
N ASP C 104 7.14 -0.90 10.89
CA ASP C 104 7.05 -2.10 11.73
C ASP C 104 7.34 -1.72 13.18
N THR C 105 6.34 -1.14 13.82
CA THR C 105 6.37 -0.87 15.25
C THR C 105 4.94 -0.87 15.76
N ARG C 106 4.76 -1.30 16.99
CA ARG C 106 3.54 -1.02 17.72
C ARG C 106 3.59 0.39 18.27
N LEU C 107 2.42 0.88 18.67
CA LEU C 107 2.32 2.11 19.43
C LEU C 107 2.59 1.76 20.88
N LEU C 108 3.74 2.18 21.42
CA LEU C 108 4.24 1.68 22.69
C LEU C 108 4.22 2.72 23.81
N TYR C 109 4.61 3.96 23.50
N TYR C 109 4.66 3.94 23.52
CA TYR C 109 4.91 4.98 24.50
CA TYR C 109 4.90 4.98 24.52
C TYR C 109 4.05 6.20 24.24
C TYR C 109 3.99 6.15 24.17
N PRO C 110 2.84 6.29 24.83
CA PRO C 110 1.99 7.46 24.61
C PRO C 110 2.60 8.67 25.29
N VAL C 111 2.53 9.82 24.62
CA VAL C 111 2.99 11.07 25.22
C VAL C 111 1.81 11.65 25.98
N SER C 112 1.90 11.63 27.32
CA SER C 112 0.76 11.94 28.17
C SER C 112 0.70 13.42 28.50
N LYS C 113 -0.49 14.01 28.31
CA LYS C 113 -0.75 15.37 28.75
C LYS C 113 -1.09 15.48 30.24
N TYR C 114 -1.18 14.36 30.95
CA TYR C 114 -1.43 14.38 32.40
C TYR C 114 -0.17 14.01 33.17
N LYS D 1 13.32 13.90 9.81
CA LYS D 1 12.43 14.66 8.93
C LYS D 1 11.03 14.05 8.92
N ASP D 2 10.01 14.88 9.15
CA ASP D 2 8.64 14.40 9.21
C ASP D 2 8.17 13.96 7.82
N SER D 3 7.37 12.91 7.79
CA SER D 3 6.81 12.40 6.54
CA SER D 3 6.78 12.44 6.54
C SER D 3 5.48 11.71 6.77
N PTR D 4 4.50 11.93 5.89
CA PTR D 4 3.24 11.17 5.95
C PTR D 4 3.43 9.80 5.30
O PTR D 4 4.21 9.67 4.35
CB PTR D 4 2.08 11.91 5.27
CG PTR D 4 1.34 12.83 6.21
CD1 PTR D 4 0.23 12.39 6.90
CD2 PTR D 4 1.76 14.15 6.43
CE1 PTR D 4 -0.45 13.19 7.76
CE2 PTR D 4 1.08 14.99 7.30
CZ PTR D 4 -0.04 14.49 7.96
OH PTR D 4 -0.72 15.16 8.84
P PTR D 4 -1.25 16.65 8.76
O1P PTR D 4 -1.73 17.08 7.38
O2P PTR D 4 0.04 17.46 9.07
O3P PTR D 4 -2.15 16.96 9.91
N VAL D 5 2.74 8.79 5.81
CA VAL D 5 2.88 7.43 5.33
C VAL D 5 1.54 6.95 4.81
N GLY D 6 1.53 6.42 3.58
CA GLY D 6 0.29 6.01 2.94
C GLY D 6 -0.03 4.54 3.15
N ASP D 7 -1.20 4.15 2.64
CA ASP D 7 -1.73 2.81 2.88
C ASP D 7 -1.12 1.78 1.93
N GLU D 8 -0.84 0.60 2.46
CA GLU D 8 -0.36 -0.53 1.66
C GLU D 8 -1.23 -1.76 1.90
N ALA D 9 -1.74 -2.34 0.82
CA ALA D 9 -2.59 -3.54 0.96
C ALA D 9 -1.90 -4.78 0.39
N PRO E 9 5.64 18.50 -18.63
CA PRO E 9 6.43 19.58 -18.05
C PRO E 9 6.92 19.23 -16.65
N SER E 10 7.78 20.08 -16.08
CA SER E 10 8.09 19.98 -14.66
C SER E 10 6.85 20.31 -13.85
N LEU E 11 6.90 20.00 -12.55
CA LEU E 11 5.78 20.36 -11.68
C LEU E 11 5.60 21.86 -11.60
N GLN E 12 6.72 22.60 -11.51
CA GLN E 12 6.68 24.06 -11.39
C GLN E 12 5.90 24.68 -12.53
N ASP E 13 6.01 24.11 -13.72
CA ASP E 13 5.37 24.64 -14.91
C ASP E 13 3.97 24.09 -15.14
N ALA E 14 3.59 22.97 -14.50
CA ALA E 14 2.28 22.40 -14.76
C ALA E 14 1.20 23.42 -14.43
N GLU E 15 0.27 23.63 -15.37
CA GLU E 15 -0.71 24.71 -15.20
C GLU E 15 -1.61 24.48 -13.99
N TRP E 16 -1.81 23.22 -13.61
CA TRP E 16 -2.71 22.90 -12.51
C TRP E 16 -2.02 22.89 -11.15
N TYR E 17 -0.71 23.19 -11.08
CA TYR E 17 0.02 23.22 -9.83
C TYR E 17 0.12 24.66 -9.32
N TRP E 18 -0.46 24.91 -8.15
CA TRP E 18 -0.53 26.25 -7.59
C TRP E 18 0.44 26.49 -6.44
N GLY E 19 1.15 25.47 -5.99
CA GLY E 19 2.15 25.69 -4.94
C GLY E 19 1.52 26.12 -3.61
N ASP E 20 2.02 27.24 -3.06
CA ASP E 20 1.72 27.61 -1.67
C ASP E 20 0.45 28.46 -1.62
N ILE E 21 -0.69 27.79 -1.76
CA ILE E 21 -2.00 28.37 -1.51
C ILE E 21 -2.74 27.49 -0.51
N SER E 22 -3.70 28.08 0.17
CA SER E 22 -4.34 27.39 1.29
C SER E 22 -5.56 26.62 0.83
N ARG E 23 -6.02 25.73 1.69
CA ARG E 23 -7.27 25.00 1.44
C ARG E 23 -8.42 25.97 1.20
N GLU E 24 -8.45 27.08 1.95
CA GLU E 24 -9.52 28.05 1.80
C GLU E 24 -9.47 28.73 0.44
N GLU E 25 -8.27 29.02 -0.07
CA GLU E 25 -8.13 29.63 -1.39
C GLU E 25 -8.55 28.67 -2.51
N VAL E 26 -8.22 27.39 -2.37
CA VAL E 26 -8.66 26.38 -3.33
C VAL E 26 -10.18 26.34 -3.40
N ASN E 27 -10.83 26.34 -2.24
CA ASN E 27 -12.28 26.35 -2.17
C ASN E 27 -12.87 27.49 -3.00
N GLU E 28 -12.24 28.66 -2.96
CA GLU E 28 -12.75 29.79 -3.72
C GLU E 28 -12.62 29.55 -5.22
N LYS E 29 -11.54 28.90 -5.65
CA LYS E 29 -11.36 28.62 -7.07
C LYS E 29 -12.25 27.52 -7.59
N LEU E 30 -12.70 26.60 -6.73
CA LEU E 30 -13.50 25.48 -7.18
C LEU E 30 -15.00 25.70 -7.02
N ARG E 31 -15.42 26.81 -6.41
CA ARG E 31 -16.83 27.09 -6.27
C ARG E 31 -17.47 27.19 -7.64
N ASP E 32 -18.60 26.50 -7.82
CA ASP E 32 -19.39 26.53 -9.05
C ASP E 32 -18.70 25.88 -10.24
N THR E 33 -17.73 25.01 -10.01
CA THR E 33 -17.08 24.39 -11.15
C THR E 33 -17.64 23.00 -11.39
N PRO E 34 -17.53 22.48 -12.61
CA PRO E 34 -18.08 21.15 -12.89
C PRO E 34 -17.27 20.04 -12.22
N ASP E 35 -17.92 18.90 -12.05
CA ASP E 35 -17.24 17.72 -11.53
C ASP E 35 -16.05 17.38 -12.42
N GLY E 36 -14.94 17.00 -11.79
CA GLY E 36 -13.73 16.73 -12.51
C GLY E 36 -12.78 17.92 -12.63
N THR E 37 -13.20 19.10 -12.17
CA THR E 37 -12.28 20.24 -12.09
C THR E 37 -11.27 19.94 -10.98
N PHE E 38 -10.01 20.32 -11.19
CA PHE E 38 -8.99 19.90 -10.23
C PHE E 38 -7.80 20.85 -10.25
N LEU E 39 -7.05 20.84 -9.13
CA LEU E 39 -5.75 21.50 -9.04
C LEU E 39 -4.93 20.81 -7.94
N VAL E 40 -3.63 21.06 -7.96
CA VAL E 40 -2.71 20.54 -6.95
C VAL E 40 -2.07 21.71 -6.23
N ARG E 41 -1.98 21.61 -4.91
CA ARG E 41 -1.31 22.61 -4.10
C ARG E 41 -0.34 21.88 -3.16
N ASP E 42 0.52 22.65 -2.53
CA ASP E 42 1.35 22.09 -1.46
C ASP E 42 0.47 21.65 -0.30
N ALA E 43 0.92 20.63 0.42
CA ALA E 43 0.13 20.11 1.53
C ALA E 43 0.06 21.10 2.71
N SER E 44 -1.06 21.04 3.45
CA SER E 44 -1.24 21.90 4.62
C SER E 44 -0.13 21.71 5.65
N SER E 45 0.46 20.53 5.70
CA SER E 45 1.55 20.26 6.65
C SER E 45 2.80 21.08 6.35
N LYS E 46 2.94 21.57 5.12
CA LYS E 46 4.15 22.28 4.69
C LYS E 46 5.40 21.40 4.72
N ILE E 47 5.21 20.08 4.61
CA ILE E 47 6.32 19.16 4.43
C ILE E 47 6.77 19.22 2.98
N GLN E 48 8.05 19.49 2.77
CA GLN E 48 8.58 19.65 1.42
C GLN E 48 8.43 18.35 0.64
N GLY E 49 7.90 18.45 -0.56
CA GLY E 49 7.73 17.28 -1.40
C GLY E 49 6.43 16.53 -1.23
N GLU E 50 5.54 17.00 -0.36
CA GLU E 50 4.21 16.41 -0.24
C GLU E 50 3.18 17.41 -0.77
N TYR E 51 2.16 16.87 -1.42
CA TYR E 51 1.20 17.69 -2.14
C TYR E 51 -0.20 17.18 -1.87
N THR E 52 -1.18 18.00 -2.25
CA THR E 52 -2.59 17.65 -2.10
C THR E 52 -3.30 17.94 -3.40
N LEU E 53 -3.92 16.91 -3.96
CA LEU E 53 -4.80 17.06 -5.11
C LEU E 53 -6.20 17.39 -4.60
N THR E 54 -6.86 18.36 -5.23
CA THR E 54 -8.24 18.68 -4.88
C THR E 54 -9.08 18.58 -6.13
N LEU E 55 -10.18 17.84 -6.06
CA LEU E 55 -11.06 17.73 -7.21
C LEU E 55 -12.50 17.93 -6.81
N ARG E 56 -13.28 18.48 -7.74
CA ARG E 56 -14.70 18.73 -7.54
C ARG E 56 -15.47 17.47 -7.90
N LYS E 57 -16.37 17.06 -7.02
CA LYS E 57 -17.17 15.85 -7.23
C LYS E 57 -18.45 16.02 -6.44
N GLY E 58 -19.59 16.00 -7.14
CA GLY E 58 -20.87 16.15 -6.48
C GLY E 58 -21.06 17.49 -5.81
N GLY E 59 -20.44 18.54 -6.33
CA GLY E 59 -20.58 19.87 -5.75
C GLY E 59 -19.73 20.12 -4.52
N ASN E 60 -18.86 19.18 -4.17
CA ASN E 60 -18.00 19.31 -3.01
C ASN E 60 -16.56 19.05 -3.44
N ASN E 61 -15.62 19.45 -2.59
CA ASN E 61 -14.20 19.28 -2.86
C ASN E 61 -13.68 18.04 -2.15
N LYS E 62 -13.06 17.15 -2.91
CA LYS E 62 -12.43 15.94 -2.40
C LYS E 62 -10.92 16.12 -2.44
N LEU E 63 -10.26 15.87 -1.31
CA LEU E 63 -8.84 16.12 -1.14
C LEU E 63 -8.12 14.79 -1.08
N ILE E 64 -7.02 14.66 -1.81
CA ILE E 64 -6.25 13.42 -1.87
C ILE E 64 -4.79 13.72 -1.63
N LYS E 65 -4.20 13.12 -0.60
CA LYS E 65 -2.79 13.30 -0.31
C LYS E 65 -1.92 12.62 -1.37
N VAL E 66 -0.87 13.32 -1.79
CA VAL E 66 0.17 12.74 -2.62
C VAL E 66 1.36 12.43 -1.71
N PHE E 67 1.66 11.14 -1.56
CA PHE E 67 2.79 10.68 -0.78
C PHE E 67 4.04 10.65 -1.63
N HIS E 68 5.19 10.73 -0.95
CA HIS E 68 6.49 10.78 -1.62
C HIS E 68 7.49 9.96 -0.82
N ARG E 69 8.19 9.03 -1.49
CA ARG E 69 9.30 8.33 -0.86
C ARG E 69 10.20 7.75 -1.94
N ASP E 70 11.51 7.81 -1.69
CA ASP E 70 12.55 7.27 -2.58
C ASP E 70 12.29 7.57 -4.06
N GLY E 71 12.09 8.86 -4.35
CA GLY E 71 11.89 9.32 -5.72
C GLY E 71 10.58 8.94 -6.35
N HIS E 72 9.62 8.42 -5.60
CA HIS E 72 8.34 8.00 -6.16
C HIS E 72 7.18 8.71 -5.47
N TYR E 73 6.07 8.80 -6.20
CA TYR E 73 4.86 9.47 -5.72
C TYR E 73 3.66 8.57 -5.96
N GLY E 74 2.61 8.81 -5.19
CA GLY E 74 1.35 8.07 -5.37
C GLY E 74 0.33 8.48 -4.34
N PHE E 75 -0.89 8.00 -4.53
CA PHE E 75 -1.95 8.18 -3.54
C PHE E 75 -1.96 7.07 -2.50
N SER E 76 -1.26 5.97 -2.76
CA SER E 76 -1.16 4.84 -1.85
C SER E 76 0.05 4.03 -2.28
N GLU E 77 0.46 3.09 -1.43
CA GLU E 77 1.61 2.27 -1.70
C GLU E 77 1.19 0.99 -2.41
N PRO E 78 2.05 0.45 -3.29
CA PRO E 78 3.35 1.01 -3.68
C PRO E 78 3.22 2.30 -4.48
N LEU E 79 4.16 3.21 -4.27
CA LEU E 79 4.19 4.47 -5.00
C LEU E 79 4.78 4.19 -6.38
N THR E 80 3.98 4.38 -7.42
CA THR E 80 4.33 3.87 -8.74
C THR E 80 4.68 4.94 -9.76
N PHE E 81 4.76 6.20 -9.36
CA PHE E 81 5.04 7.28 -10.30
C PHE E 81 6.32 8.02 -9.91
N CYS E 82 7.12 8.38 -10.90
CA CYS E 82 8.38 9.06 -10.62
CA CYS E 82 8.38 9.06 -10.62
C CYS E 82 8.23 10.57 -10.56
N SER E 83 7.04 11.09 -10.83
CA SER E 83 6.80 12.52 -10.75
C SER E 83 5.33 12.77 -10.45
N VAL E 84 5.07 13.91 -9.81
CA VAL E 84 3.68 14.33 -9.60
C VAL E 84 2.98 14.52 -10.94
N VAL E 85 3.67 15.06 -11.94
CA VAL E 85 3.04 15.26 -13.25
C VAL E 85 2.56 13.93 -13.84
N ASP E 86 3.38 12.89 -13.76
CA ASP E 86 2.96 11.58 -14.29
C ASP E 86 1.78 11.01 -13.52
N LEU E 87 1.77 11.17 -12.18
CA LEU E 87 0.65 10.71 -11.36
C LEU E 87 -0.65 11.38 -11.76
N ILE E 88 -0.63 12.71 -11.90
CA ILE E 88 -1.83 13.44 -12.30
C ILE E 88 -2.25 13.05 -13.72
N ASN E 89 -1.28 12.97 -14.64
CA ASN E 89 -1.63 12.58 -16.01
C ASN E 89 -2.28 11.21 -16.05
N HIS E 90 -1.85 10.29 -15.17
CA HIS E 90 -2.44 8.96 -15.16
C HIS E 90 -3.94 9.05 -14.89
N TYR E 91 -4.34 9.88 -13.93
CA TYR E 91 -5.74 9.96 -13.54
C TYR E 91 -6.53 11.00 -14.34
N ARG E 92 -5.89 11.66 -15.32
CA ARG E 92 -6.64 12.32 -16.36
C ARG E 92 -7.15 11.34 -17.41
N HIS E 93 -6.55 10.15 -17.46
CA HIS E 93 -6.92 9.10 -18.39
C HIS E 93 -7.76 8.01 -17.72
N GLU E 94 -7.38 7.59 -16.51
CA GLU E 94 -8.08 6.54 -15.79
C GLU E 94 -8.81 7.15 -14.60
N SER E 95 -10.02 6.65 -14.33
CA SER E 95 -10.83 7.20 -13.24
CA SER E 95 -10.82 7.23 -13.25
C SER E 95 -10.19 6.93 -11.89
N LEU E 96 -10.43 7.84 -10.95
CA LEU E 96 -9.98 7.64 -9.58
CA LEU E 96 -10.04 7.70 -9.56
C LEU E 96 -10.79 6.60 -8.83
N ALA E 97 -11.77 5.96 -9.50
CA ALA E 97 -12.52 4.89 -8.85
C ALA E 97 -11.61 3.72 -8.50
N GLN E 98 -10.48 3.59 -9.20
CA GLN E 98 -9.53 2.54 -8.87
C GLN E 98 -8.84 2.83 -7.54
N TYR E 99 -8.75 4.10 -7.15
CA TYR E 99 -8.24 4.46 -5.84
C TYR E 99 -9.33 4.31 -4.78
N ASN E 100 -10.50 4.89 -5.03
CA ASN E 100 -11.63 4.80 -4.11
C ASN E 100 -12.89 4.88 -4.97
N ALA E 101 -13.74 3.84 -4.87
CA ALA E 101 -14.92 3.72 -5.74
C ALA E 101 -15.87 4.91 -5.63
N LYS E 102 -15.82 5.67 -4.53
CA LYS E 102 -16.67 6.85 -4.40
C LYS E 102 -16.19 8.04 -5.22
N LEU E 103 -15.00 7.97 -5.83
CA LEU E 103 -14.49 9.02 -6.69
C LEU E 103 -14.54 8.54 -8.13
N ASP E 104 -15.77 8.35 -8.63
CA ASP E 104 -15.99 7.82 -9.98
C ASP E 104 -15.92 8.96 -11.01
N THR E 105 -14.72 9.54 -11.13
CA THR E 105 -14.48 10.56 -12.14
C THR E 105 -13.00 10.59 -12.45
N ARG E 106 -12.68 10.98 -13.67
CA ARG E 106 -11.31 11.33 -14.02
C ARG E 106 -11.01 12.76 -13.58
N LEU E 107 -9.74 13.11 -13.61
CA LEU E 107 -9.32 14.51 -13.51
C LEU E 107 -9.50 15.16 -14.88
N LEU E 108 -10.53 15.98 -15.03
CA LEU E 108 -10.97 16.44 -16.35
C LEU E 108 -10.51 17.86 -16.68
N TYR E 109 -10.68 18.80 -15.76
CA TYR E 109 -10.63 20.22 -16.11
C TYR E 109 -9.61 20.91 -15.21
N PRO E 110 -8.40 21.17 -15.70
CA PRO E 110 -7.37 21.79 -14.85
C PRO E 110 -7.70 23.24 -14.59
N VAL E 111 -7.43 23.70 -13.37
CA VAL E 111 -7.52 25.12 -13.03
C VAL E 111 -6.13 25.74 -13.22
N SER E 112 -5.98 26.59 -14.23
CA SER E 112 -4.67 27.10 -14.59
C SER E 112 -4.23 28.21 -13.64
N LYS E 113 -2.97 28.14 -13.19
CA LYS E 113 -2.41 29.17 -12.30
C LYS E 113 -1.81 30.34 -13.05
N TYR E 114 -1.87 30.33 -14.38
CA TYR E 114 -1.28 31.42 -15.17
C TYR E 114 -2.21 32.64 -15.25
N LYS F 1 -18.76 20.51 1.80
CA LYS F 1 -17.56 20.84 2.54
C LYS F 1 -16.39 19.95 2.13
N ASP F 2 -15.18 20.42 2.40
CA ASP F 2 -13.98 19.70 2.03
C ASP F 2 -13.85 18.44 2.86
N SER F 3 -13.38 17.38 2.22
CA SER F 3 -13.05 16.16 2.94
C SER F 3 -11.90 15.44 2.25
N PTR F 4 -11.01 14.84 3.05
CA PTR F 4 -9.99 13.98 2.52
C PTR F 4 -10.59 12.60 2.22
O PTR F 4 -11.49 12.14 2.94
CB PTR F 4 -8.80 13.87 3.49
CG PTR F 4 -7.74 14.93 3.25
CD1 PTR F 4 -6.71 14.68 2.37
CD2 PTR F 4 -7.80 16.17 3.87
CE1 PTR F 4 -5.75 15.64 2.11
CE2 PTR F 4 -6.84 17.14 3.63
CZ PTR F 4 -5.81 16.85 2.74
OH PTR F 4 -4.87 17.70 2.41
P PTR F 4 -4.07 18.73 3.34
O1P PTR F 4 -2.99 19.39 2.55
O2P PTR F 4 -5.09 19.86 3.65
O3P PTR F 4 -3.61 18.09 4.65
N VAL F 5 -10.08 11.95 1.17
CA VAL F 5 -10.54 10.63 0.77
C VAL F 5 -9.40 9.64 0.85
N GLY F 6 -9.63 8.54 1.59
CA GLY F 6 -8.60 7.55 1.80
C GLY F 6 -8.60 6.46 0.74
N ASP F 7 -7.60 5.59 0.86
CA ASP F 7 -7.41 4.47 -0.05
C ASP F 7 -8.44 3.40 0.23
N GLU F 8 -8.90 2.75 -0.83
CA GLU F 8 -9.84 1.64 -0.70
C GLU F 8 -9.24 0.39 -1.34
N GLY G 6 20.29 4.12 -3.24
CA GLY G 6 20.52 3.14 -4.29
C GLY G 6 19.40 3.08 -5.33
N SER G 7 19.52 2.15 -6.27
CA SER G 7 18.61 2.07 -7.40
C SER G 7 17.34 1.30 -7.03
N PRO G 8 16.25 1.53 -7.75
CA PRO G 8 15.03 0.74 -7.56
C PRO G 8 15.21 -0.66 -8.12
N PRO G 9 14.32 -1.60 -7.81
CA PRO G 9 14.42 -2.95 -8.38
C PRO G 9 14.41 -2.92 -9.91
N SER G 10 15.07 -3.91 -10.49
CA SER G 10 15.33 -3.95 -11.92
C SER G 10 14.34 -4.88 -12.63
N LEU G 11 14.01 -4.53 -13.88
CA LEU G 11 13.16 -5.41 -14.69
C LEU G 11 13.81 -6.78 -14.86
N GLN G 12 15.13 -6.80 -15.01
CA GLN G 12 15.85 -8.07 -15.19
C GLN G 12 15.64 -9.00 -14.01
N ASP G 13 15.53 -8.46 -12.80
CA ASP G 13 15.34 -9.26 -11.60
C ASP G 13 13.88 -9.56 -11.29
N ALA G 14 12.94 -8.94 -12.00
CA ALA G 14 11.53 -9.17 -11.70
C ALA G 14 11.15 -10.61 -12.02
N GLU G 15 10.49 -11.27 -11.05
CA GLU G 15 10.17 -12.69 -11.20
C GLU G 15 9.26 -12.96 -12.38
N TRP G 16 8.39 -12.01 -12.73
CA TRP G 16 7.41 -12.20 -13.77
C TRP G 16 7.90 -11.76 -15.14
N TYR G 17 9.16 -11.32 -15.26
CA TYR G 17 9.71 -10.89 -16.55
C TYR G 17 10.56 -12.02 -17.13
N TRP G 18 10.08 -12.59 -18.23
CA TRP G 18 10.71 -13.76 -18.85
C TRP G 18 11.55 -13.42 -20.08
N GLY G 19 11.52 -12.18 -20.55
CA GLY G 19 12.41 -11.80 -21.64
C GLY G 19 11.95 -12.36 -22.98
N ASP G 20 12.90 -12.95 -23.71
CA ASP G 20 12.67 -13.40 -25.09
C ASP G 20 12.12 -14.83 -25.07
N ILE G 21 10.81 -14.94 -24.82
CA ILE G 21 10.13 -16.22 -24.92
C ILE G 21 8.94 -16.06 -25.85
N SER G 22 8.53 -17.19 -26.43
CA SER G 22 7.44 -17.15 -27.36
C SER G 22 6.10 -17.16 -26.62
N ARG G 23 5.04 -16.85 -27.36
CA ARG G 23 3.70 -17.03 -26.82
C ARG G 23 3.41 -18.48 -26.47
N GLU G 24 4.00 -19.42 -27.22
CA GLU G 24 3.77 -20.84 -26.93
C GLU G 24 4.35 -21.20 -25.57
N GLU G 25 5.54 -20.68 -25.26
CA GLU G 25 6.08 -20.88 -23.92
C GLU G 25 5.21 -20.19 -22.87
N VAL G 26 4.69 -19.01 -23.19
CA VAL G 26 3.79 -18.30 -22.29
C VAL G 26 2.55 -19.14 -22.00
N ASN G 27 1.94 -19.70 -23.05
CA ASN G 27 0.71 -20.46 -22.87
C ASN G 27 0.94 -21.73 -22.05
N GLU G 28 2.13 -22.32 -22.15
CA GLU G 28 2.44 -23.45 -21.28
C GLU G 28 2.41 -23.05 -19.81
N LYS G 29 2.73 -21.79 -19.51
CA LYS G 29 2.72 -21.32 -18.12
C LYS G 29 1.32 -20.96 -17.65
N LEU G 30 0.46 -20.49 -18.55
CA LEU G 30 -0.86 -20.01 -18.19
C LEU G 30 -1.95 -21.04 -18.41
N ARG G 31 -1.59 -22.25 -18.82
CA ARG G 31 -2.57 -23.29 -19.10
C ARG G 31 -3.33 -23.65 -17.82
N ASP G 32 -4.64 -23.48 -17.86
CA ASP G 32 -5.52 -23.85 -16.73
C ASP G 32 -5.14 -23.14 -15.44
N THR G 33 -4.74 -21.88 -15.56
CA THR G 33 -4.47 -21.08 -14.38
C THR G 33 -5.66 -20.16 -14.09
N PRO G 34 -5.80 -19.68 -12.86
CA PRO G 34 -6.93 -18.80 -12.55
C PRO G 34 -6.76 -17.41 -13.15
N ASP G 35 -7.89 -16.72 -13.29
CA ASP G 35 -7.89 -15.34 -13.76
C ASP G 35 -6.95 -14.48 -12.92
N GLY G 36 -6.27 -13.55 -13.58
CA GLY G 36 -5.29 -12.72 -12.93
C GLY G 36 -3.89 -13.26 -12.93
N THR G 37 -3.68 -14.49 -13.39
CA THR G 37 -2.33 -15.00 -13.58
C THR G 37 -1.71 -14.26 -14.76
N PHE G 38 -0.41 -13.96 -14.65
CA PHE G 38 0.18 -13.07 -15.65
C PHE G 38 1.69 -13.22 -15.71
N LEU G 39 2.25 -12.79 -16.84
CA LEU G 39 3.69 -12.60 -16.98
CA LEU G 39 3.69 -12.60 -16.98
C LEU G 39 3.94 -11.61 -18.11
N VAL G 40 5.16 -11.10 -18.15
CA VAL G 40 5.57 -10.14 -19.17
C VAL G 40 6.71 -10.74 -19.98
N ARG G 41 6.64 -10.58 -21.30
CA ARG G 41 7.70 -10.99 -22.21
C ARG G 41 7.97 -9.85 -23.18
N ASP G 42 9.08 -9.96 -23.90
CA ASP G 42 9.39 -9.00 -24.96
C ASP G 42 8.35 -9.11 -26.07
N ALA G 43 8.04 -7.98 -26.70
CA ALA G 43 7.02 -7.95 -27.74
C ALA G 43 7.53 -8.63 -29.02
N SER G 44 6.60 -9.23 -29.78
CA SER G 44 6.99 -9.87 -31.04
C SER G 44 7.56 -8.88 -32.04
N SER G 45 7.37 -7.58 -31.83
CA SER G 45 7.92 -6.57 -32.73
C SER G 45 9.44 -6.47 -32.63
N LYS G 46 10.03 -6.98 -31.56
CA LYS G 46 11.47 -6.93 -31.30
C LYS G 46 11.97 -5.49 -31.16
N ILE G 47 11.08 -4.57 -30.82
CA ILE G 47 11.46 -3.18 -30.52
C ILE G 47 11.94 -3.12 -29.08
N GLN G 48 13.11 -2.51 -28.87
CA GLN G 48 13.69 -2.43 -27.53
C GLN G 48 12.79 -1.62 -26.62
N GLY G 49 12.51 -2.15 -25.43
CA GLY G 49 11.63 -1.48 -24.51
C GLY G 49 10.15 -1.65 -24.77
N GLU G 50 9.76 -2.43 -25.79
CA GLU G 50 8.36 -2.73 -26.02
C GLU G 50 8.09 -4.16 -25.56
N TYR G 51 7.07 -4.32 -24.71
CA TYR G 51 6.81 -5.59 -24.04
C TYR G 51 5.37 -6.00 -24.28
N THR G 52 5.06 -7.25 -23.91
CA THR G 52 3.70 -7.72 -23.96
C THR G 52 3.34 -8.31 -22.60
N LEU G 53 2.24 -7.81 -22.05
CA LEU G 53 1.68 -8.34 -20.82
C LEU G 53 0.63 -9.37 -21.22
N THR G 54 0.73 -10.58 -20.67
CA THR G 54 -0.24 -11.63 -20.92
C THR G 54 -0.98 -11.92 -19.63
N LEU G 55 -2.31 -11.82 -19.68
CA LEU G 55 -3.17 -11.91 -18.50
C LEU G 55 -4.24 -12.97 -18.73
N ARG G 56 -4.47 -13.80 -17.72
CA ARG G 56 -5.52 -14.80 -17.79
C ARG G 56 -6.85 -14.15 -17.43
N LYS G 57 -7.85 -14.36 -18.28
CA LYS G 57 -9.18 -13.79 -18.02
C LYS G 57 -10.23 -14.64 -18.72
N GLY G 58 -11.24 -15.07 -17.97
CA GLY G 58 -12.32 -15.86 -18.52
C GLY G 58 -11.87 -17.14 -19.20
N GLY G 59 -10.80 -17.75 -18.71
CA GLY G 59 -10.27 -18.97 -19.32
C GLY G 59 -9.43 -18.74 -20.56
N ASN G 60 -9.20 -17.50 -20.95
CA ASN G 60 -8.44 -17.14 -22.14
C ASN G 60 -7.26 -16.27 -21.77
N ASN G 61 -6.33 -16.12 -22.71
CA ASN G 61 -5.15 -15.30 -22.52
C ASN G 61 -5.32 -13.98 -23.27
N LYS G 62 -5.22 -12.87 -22.55
CA LYS G 62 -5.39 -11.54 -23.11
C LYS G 62 -4.02 -10.87 -23.18
N LEU G 63 -3.74 -10.25 -24.33
CA LEU G 63 -2.44 -9.65 -24.60
C LEU G 63 -2.56 -8.12 -24.58
N ILE G 64 -1.64 -7.46 -23.90
CA ILE G 64 -1.64 -6.01 -23.80
C ILE G 64 -0.25 -5.49 -24.12
N LYS G 65 -0.15 -4.61 -25.11
CA LYS G 65 1.14 -4.06 -25.52
C LYS G 65 1.59 -2.99 -24.52
N VAL G 66 2.84 -3.11 -24.07
CA VAL G 66 3.49 -2.08 -23.26
C VAL G 66 4.35 -1.24 -24.20
N PHE G 67 3.94 0.01 -24.38
CA PHE G 67 4.61 0.98 -25.23
C PHE G 67 5.69 1.70 -24.45
N HIS G 68 6.68 2.23 -25.17
CA HIS G 68 7.79 2.95 -24.56
C HIS G 68 8.10 4.18 -25.40
N ARG G 69 8.16 5.34 -24.76
CA ARG G 69 8.60 6.55 -25.44
C ARG G 69 9.04 7.56 -24.40
N ASP G 70 10.12 8.27 -24.69
CA ASP G 70 10.61 9.36 -23.83
C ASP G 70 10.77 8.90 -22.39
N GLY G 71 11.41 7.75 -22.21
CA GLY G 71 11.72 7.23 -20.89
C GLY G 71 10.54 6.75 -20.08
N HIS G 72 9.36 6.65 -20.70
CA HIS G 72 8.15 6.22 -19.99
C HIS G 72 7.55 5.01 -20.66
N TYR G 73 6.70 4.31 -19.92
CA TYR G 73 6.01 3.12 -20.38
C TYR G 73 4.53 3.21 -20.04
N GLY G 74 3.72 2.51 -20.82
CA GLY G 74 2.30 2.44 -20.50
C GLY G 74 1.54 1.73 -21.58
N PHE G 75 0.25 1.52 -21.31
CA PHE G 75 -0.63 0.83 -22.25
C PHE G 75 -1.16 1.77 -23.33
N SER G 76 -1.15 3.08 -23.09
CA SER G 76 -1.64 4.07 -24.06
C SER G 76 -1.19 5.45 -23.61
N GLU G 77 -1.25 6.40 -24.55
CA GLU G 77 -0.79 7.75 -24.31
C GLU G 77 -1.75 8.48 -23.37
N PRO G 78 -1.22 9.34 -22.48
CA PRO G 78 0.22 9.55 -22.30
C PRO G 78 0.82 8.44 -21.46
N LEU G 79 2.09 8.10 -21.70
CA LEU G 79 2.74 7.05 -20.95
C LEU G 79 3.23 7.61 -19.62
N THR G 80 2.81 6.97 -18.52
CA THR G 80 2.95 7.59 -17.21
C THR G 80 3.88 6.88 -16.25
N PHE G 81 4.46 5.76 -16.60
CA PHE G 81 5.34 5.04 -15.70
C PHE G 81 6.78 5.16 -16.17
N CYS G 82 7.71 5.37 -15.24
CA CYS G 82 9.11 5.46 -15.65
CA CYS G 82 9.12 5.46 -15.64
C CYS G 82 9.81 4.12 -15.73
N SER G 83 9.12 3.03 -15.36
CA SER G 83 9.71 1.70 -15.46
C SER G 83 8.59 0.69 -15.62
N VAL G 84 8.91 -0.44 -16.26
CA VAL G 84 7.95 -1.53 -16.37
C VAL G 84 7.62 -2.13 -15.00
N VAL G 85 8.57 -2.18 -14.07
CA VAL G 85 8.26 -2.69 -12.74
C VAL G 85 7.19 -1.83 -12.07
N ASP G 86 7.32 -0.50 -12.20
CA ASP G 86 6.31 0.38 -11.60
C ASP G 86 4.96 0.18 -12.27
N LEU G 87 4.95 -0.01 -13.59
N LEU G 87 4.95 0.03 -13.59
CA LEU G 87 3.70 -0.23 -14.32
CA LEU G 87 3.69 -0.23 -14.29
C LEU G 87 3.02 -1.51 -13.84
C LEU G 87 3.04 -1.49 -13.75
N ILE G 88 3.77 -2.61 -13.74
CA ILE G 88 3.19 -3.87 -13.31
C ILE G 88 2.76 -3.80 -11.84
N ASN G 89 3.59 -3.20 -10.98
CA ASN G 89 3.19 -3.09 -9.57
C ASN G 89 1.91 -2.27 -9.44
N HIS G 90 1.74 -1.25 -10.27
CA HIS G 90 0.52 -0.46 -10.23
C HIS G 90 -0.71 -1.32 -10.46
N TYR G 91 -0.70 -2.14 -11.52
CA TYR G 91 -1.86 -2.94 -11.86
C TYR G 91 -1.94 -4.24 -11.07
N ARG G 92 -0.95 -4.54 -10.23
CA ARG G 92 -1.16 -5.56 -9.20
C ARG G 92 -2.09 -5.06 -8.12
N HIS G 93 -2.31 -3.75 -8.03
CA HIS G 93 -3.11 -3.18 -6.97
C HIS G 93 -4.31 -2.37 -7.45
N GLU G 94 -4.42 -2.12 -8.75
CA GLU G 94 -5.58 -1.46 -9.32
C GLU G 94 -6.00 -2.20 -10.59
N SER G 95 -7.30 -2.32 -10.79
CA SER G 95 -7.84 -3.13 -11.87
C SER G 95 -7.50 -2.53 -13.24
N LEU G 96 -7.40 -3.40 -14.24
CA LEU G 96 -7.21 -3.00 -15.62
C LEU G 96 -8.52 -2.57 -16.28
N ALA G 97 -9.62 -2.50 -15.52
CA ALA G 97 -10.93 -2.21 -16.11
C ALA G 97 -11.02 -0.81 -16.70
N GLN G 98 -10.19 0.12 -16.24
CA GLN G 98 -10.19 1.46 -16.83
C GLN G 98 -9.44 1.51 -18.15
N TYR G 99 -8.47 0.62 -18.35
CA TYR G 99 -7.86 0.49 -19.67
C TYR G 99 -8.81 -0.15 -20.67
N ASN G 100 -9.43 -1.27 -20.29
CA ASN G 100 -10.44 -1.93 -21.12
C ASN G 100 -11.44 -2.59 -20.17
N ALA G 101 -12.74 -2.31 -20.40
CA ALA G 101 -13.76 -2.79 -19.49
C ALA G 101 -13.87 -4.31 -19.47
N LYS G 102 -13.35 -4.99 -20.48
CA LYS G 102 -13.32 -6.45 -20.47
C LYS G 102 -12.19 -7.02 -19.62
N LEU G 103 -11.32 -6.17 -19.08
CA LEU G 103 -10.20 -6.63 -18.25
C LEU G 103 -10.44 -6.28 -16.80
N ASP G 104 -11.60 -6.66 -16.26
CA ASP G 104 -11.98 -6.33 -14.88
C ASP G 104 -11.29 -7.28 -13.91
N THR G 105 -9.98 -7.07 -13.75
CA THR G 105 -9.18 -7.85 -12.82
C THR G 105 -7.87 -7.12 -12.61
N ARG G 106 -7.28 -7.34 -11.45
CA ARG G 106 -5.91 -6.94 -11.18
C ARG G 106 -4.97 -8.03 -11.67
N LEU G 107 -3.68 -7.68 -11.74
CA LEU G 107 -2.62 -8.67 -11.97
C LEU G 107 -2.36 -9.38 -10.65
N LEU G 108 -2.97 -10.56 -10.49
CA LEU G 108 -3.02 -11.21 -9.18
C LEU G 108 -1.93 -12.22 -8.94
N TYR G 109 -1.57 -13.02 -9.94
CA TYR G 109 -0.68 -14.15 -9.74
C TYR G 109 0.48 -14.14 -10.73
N PRO G 110 1.62 -13.58 -10.34
CA PRO G 110 2.79 -13.60 -11.22
C PRO G 110 3.36 -15.00 -11.38
N VAL G 111 3.70 -15.34 -12.63
CA VAL G 111 4.39 -16.59 -12.94
C VAL G 111 5.88 -16.33 -12.78
N SER G 112 6.48 -16.96 -11.77
CA SER G 112 7.86 -16.67 -11.44
C SER G 112 8.81 -17.50 -12.30
N LYS G 113 9.94 -16.89 -12.64
CA LYS G 113 11.02 -17.57 -13.32
C LYS G 113 12.03 -18.19 -12.36
N TYR G 114 11.84 -17.99 -11.06
CA TYR G 114 12.81 -18.45 -10.06
C TYR G 114 12.39 -19.76 -9.42
N ASP H 2 -5.41 -16.84 -27.54
CA ASP H 2 -4.69 -15.59 -27.35
C ASP H 2 -5.32 -14.46 -28.15
N SER H 3 -5.29 -13.25 -27.61
CA SER H 3 -5.93 -12.12 -28.27
C SER H 3 -5.48 -10.77 -27.72
N PTR H 4 -5.01 -9.89 -28.61
CA PTR H 4 -4.64 -8.54 -28.20
C PTR H 4 -5.86 -7.70 -27.86
O PTR H 4 -6.89 -7.74 -28.54
CB PTR H 4 -3.81 -7.79 -29.26
CG PTR H 4 -2.32 -7.98 -29.13
CD1 PTR H 4 -1.60 -7.32 -28.14
CD2 PTR H 4 -1.63 -8.82 -30.00
CE1 PTR H 4 -0.23 -7.49 -28.01
CE2 PTR H 4 -0.25 -8.99 -29.89
CZ PTR H 4 0.44 -8.33 -28.88
OH PTR H 4 1.74 -8.44 -28.73
P PTR H 4 2.62 -9.65 -29.31
O1P PTR H 4 2.70 -9.48 -30.85
O2P PTR H 4 1.99 -11.00 -28.99
O3P PTR H 4 3.96 -9.53 -28.74
N VAL H 5 -5.73 -6.92 -26.79
CA VAL H 5 -6.76 -6.00 -26.37
C VAL H 5 -6.25 -4.57 -26.55
N GLY H 6 -7.00 -3.76 -27.29
CA GLY H 6 -6.53 -2.44 -27.67
C GLY H 6 -7.54 -1.31 -27.66
N ASP H 7 -7.67 -0.60 -28.78
CA ASP H 7 -8.47 0.62 -28.85
C ASP H 7 -8.95 0.85 -30.28
N GLU H 8 -9.80 1.87 -30.44
CA GLU H 8 -10.37 2.21 -31.75
C GLU H 8 -10.67 3.71 -31.87
C1 EDO I . 11.37 -20.56 23.43
O1 EDO I . 11.91 -19.80 22.33
C2 EDO I . 10.72 -19.65 24.45
O2 EDO I . 9.30 -19.73 24.37
C1 EDO J . 9.12 -16.42 24.15
O1 EDO J . 8.07 -16.59 25.10
C2 EDO J . 8.51 -16.15 22.78
O2 EDO J . 7.54 -15.11 22.89
C1 EDO K . 4.32 -17.41 25.11
O1 EDO K . 4.87 -18.49 24.34
C2 EDO K . 4.79 -16.07 24.55
O2 EDO K . 4.26 -15.03 25.37
C1 EDO L . -4.03 6.92 1.65
O1 EDO L . -3.14 5.94 1.06
C2 EDO L . -4.43 6.49 3.05
O2 EDO L . -5.56 5.60 3.03
C1 EDO M . -3.88 8.29 32.06
O1 EDO M . -2.97 9.39 32.14
C2 EDO M . -3.71 7.44 33.30
O2 EDO M . -2.32 7.12 33.43
C1 EDO N . -9.59 -4.37 36.87
O1 EDO N . -10.85 -4.69 37.46
C2 EDO N . -9.77 -4.19 35.37
O2 EDO N . -10.62 -3.05 35.16
C1 EDO O . -0.77 -8.03 -5.29
O1 EDO O . 0.24 -8.87 -4.71
C2 EDO O . -1.48 -8.78 -6.41
O2 EDO O . -0.50 -9.35 -7.28
C1 EDO P . -0.43 1.81 -6.93
O1 EDO P . -0.23 1.33 -5.59
C2 EDO P . -1.78 1.32 -7.44
O2 EDO P . -2.75 1.44 -6.38
#